data_5U14
#
_entry.id   5U14
#
_cell.length_a   94.828
_cell.length_b   85.101
_cell.length_c   84.073
_cell.angle_alpha   90.00
_cell.angle_beta   111.15
_cell.angle_gamma   90.00
#
_symmetry.space_group_name_H-M   'C 1 2 1'
#
loop_
_entity.id
_entity.type
_entity.pdbx_description
1 polymer 'Dihydropteroate synthase'
2 non-polymer 4-{2-[(2-amino-6-oxo-6,9-dihydro-1H-purin-8-yl)sulfanyl]ethyl}benzene-1-sulfonamide
3 water water
#
_entity_poly.entity_id   1
_entity_poly.type   'polypeptide(L)'
_entity_poly.pdbx_seq_one_letter_code
;GSMKLFAQGTSLDLSHPHVMGILNVTPDSFSDGGTHNSLIDAVKHANLMINAGATIIDVGGESTRPGAAEVSVEEELQRV
IPVVEAIAQRFEVWISVDTSKPEVIRESAKVGAHIINDIRSLSEPGALEAAAETGLPVCLMHMQGNPKTMQEAPKYDDVF
AEVNRYFIEQIARCEQAGIAKEKLLLDPGFGFGKNLSHNYSLLARLAEFHHFNLPLLVGMSRKSMIGQLLNVGPSERLSG
SLACAVIAAMQGAHIIRVHDVKETVEAMRVVEATLSAKENKRYE
;
_entity_poly.pdbx_strand_id   A,B
#
# COMPACT_ATOMS: atom_id res chain seq x y z
N MET A 3 -5.88 -7.16 -21.91
CA MET A 3 -5.29 -5.89 -22.45
C MET A 3 -3.81 -6.07 -22.80
N LYS A 4 -3.45 -5.62 -24.00
CA LYS A 4 -2.05 -5.63 -24.45
C LYS A 4 -1.68 -4.38 -25.23
N LEU A 5 -0.39 -4.08 -25.21
CA LEU A 5 0.19 -3.01 -26.02
C LEU A 5 1.16 -3.68 -26.97
N PHE A 6 1.42 -3.04 -28.11
CA PHE A 6 2.27 -3.59 -29.16
C PHE A 6 3.19 -2.51 -29.69
N ALA A 7 4.48 -2.81 -29.78
CA ALA A 7 5.46 -1.86 -30.27
C ALA A 7 6.75 -2.57 -30.58
N GLN A 8 7.41 -2.13 -31.64
CA GLN A 8 8.74 -2.64 -32.01
C GLN A 8 8.84 -4.18 -32.10
N GLY A 9 7.78 -4.83 -32.57
CA GLY A 9 7.81 -6.29 -32.75
C GLY A 9 7.78 -7.13 -31.47
N THR A 10 7.25 -6.56 -30.39
CA THR A 10 6.99 -7.27 -29.13
C THR A 10 5.64 -6.81 -28.58
N SER A 11 5.24 -7.35 -27.42
CA SER A 11 4.02 -6.89 -26.75
C SER A 11 4.15 -6.86 -25.21
N LEU A 12 3.20 -6.19 -24.57
CA LEU A 12 3.19 -6.02 -23.13
C LEU A 12 1.82 -6.44 -22.61
N ASP A 13 1.81 -7.51 -21.82
CA ASP A 13 0.59 -8.05 -21.26
C ASP A 13 0.22 -7.26 -20.00
N LEU A 14 -0.96 -6.63 -20.03
CA LEU A 14 -1.46 -5.85 -18.89
C LEU A 14 -2.56 -6.57 -18.11
N SER A 15 -2.35 -7.86 -17.88
CA SER A 15 -3.18 -8.66 -16.99
C SER A 15 -2.75 -8.52 -15.51
N HIS A 16 -1.46 -8.23 -15.29
CA HIS A 16 -0.89 -7.98 -13.96
C HIS A 16 -0.21 -6.60 -13.94
N PRO A 17 -0.20 -5.89 -12.78
CA PRO A 17 0.41 -4.56 -12.75
C PRO A 17 1.90 -4.55 -13.09
N HIS A 18 2.33 -3.59 -13.89
CA HIS A 18 3.74 -3.42 -14.27
C HIS A 18 4.43 -2.27 -13.54
N VAL A 19 5.71 -2.46 -13.26
CA VAL A 19 6.51 -1.40 -12.66
C VAL A 19 7.32 -0.70 -13.74
N MET A 20 7.14 0.62 -13.80
CA MET A 20 7.91 1.49 -14.72
C MET A 20 8.95 2.28 -13.92
N GLY A 21 10.22 2.00 -14.18
CA GLY A 21 11.32 2.68 -13.51
C GLY A 21 11.63 4.01 -14.13
N ILE A 22 11.94 4.99 -13.28
CA ILE A 22 12.18 6.35 -13.71
C ILE A 22 13.66 6.48 -14.04
N LEU A 23 13.97 7.05 -15.19
CA LEU A 23 15.36 7.29 -15.59
C LEU A 23 15.49 8.71 -16.12
N ASN A 24 15.83 9.62 -15.22
CA ASN A 24 15.97 11.02 -15.58
C ASN A 24 17.38 11.26 -16.10
N VAL A 25 17.47 11.92 -17.26
CA VAL A 25 18.74 12.25 -17.88
C VAL A 25 18.84 13.77 -18.08
N THR A 26 18.34 14.48 -17.08
CA THR A 26 18.57 15.91 -16.93
C THR A 26 19.86 15.98 -16.07
N PRO A 27 20.81 16.88 -16.39
CA PRO A 27 22.03 16.99 -15.55
C PRO A 27 21.81 17.45 -14.10
N ASN A 37 30.49 10.18 -16.65
CA ASN A 37 29.84 9.98 -17.95
C ASN A 37 28.34 9.72 -17.80
N SER A 38 27.55 10.47 -18.56
CA SER A 38 26.09 10.52 -18.40
C SER A 38 25.41 9.28 -19.01
N LEU A 39 25.82 8.93 -20.23
CA LEU A 39 25.30 7.75 -20.92
C LEU A 39 25.65 6.46 -20.19
N ILE A 40 26.88 6.36 -19.70
CA ILE A 40 27.35 5.16 -18.99
C ILE A 40 26.54 4.93 -17.70
N ASP A 41 26.46 5.97 -16.86
CA ASP A 41 25.65 5.94 -15.64
C ASP A 41 24.17 5.62 -15.89
N ALA A 42 23.62 6.12 -16.99
CA ALA A 42 22.23 5.87 -17.34
C ALA A 42 22.00 4.39 -17.57
N VAL A 43 22.87 3.76 -18.37
CA VAL A 43 22.71 2.33 -18.70
C VAL A 43 22.95 1.46 -17.46
N LYS A 44 23.89 1.86 -16.63
CA LYS A 44 24.12 1.24 -15.33
C LYS A 44 22.81 1.28 -14.49
N HIS A 45 22.19 2.46 -14.38
CA HIS A 45 20.94 2.62 -13.63
C HIS A 45 19.80 1.75 -14.24
N ALA A 46 19.65 1.77 -15.56
CA ALA A 46 18.61 0.97 -16.20
C ALA A 46 18.77 -0.51 -15.88
N ASN A 47 20.02 -0.95 -15.91
CA ASN A 47 20.35 -2.33 -15.63
C ASN A 47 19.93 -2.73 -14.22
N LEU A 48 20.35 -1.95 -13.23
CA LEU A 48 19.89 -2.16 -11.85
C LEU A 48 18.35 -2.24 -11.77
N MET A 49 17.64 -1.36 -12.50
CA MET A 49 16.17 -1.33 -12.44
C MET A 49 15.52 -2.54 -13.12
N ILE A 50 16.12 -2.99 -14.22
CA ILE A 50 15.70 -4.22 -14.90
C ILE A 50 15.85 -5.43 -13.96
N ASN A 51 17.02 -5.54 -13.33
CA ASN A 51 17.29 -6.66 -12.40
C ASN A 51 16.40 -6.63 -11.15
N ALA A 52 15.93 -5.45 -10.77
CA ALA A 52 14.94 -5.33 -9.68
C ALA A 52 13.51 -5.64 -10.11
N GLY A 53 13.29 -5.93 -11.40
CA GLY A 53 11.97 -6.32 -11.89
C GLY A 53 11.20 -5.28 -12.70
N ALA A 54 11.79 -4.11 -12.99
CA ALA A 54 11.08 -3.14 -13.85
C ALA A 54 10.97 -3.75 -15.23
N THR A 55 9.76 -3.70 -15.81
CA THR A 55 9.53 -4.12 -17.19
C THR A 55 9.43 -2.95 -18.18
N ILE A 56 9.42 -1.70 -17.68
CA ILE A 56 9.46 -0.49 -18.50
C ILE A 56 10.39 0.51 -17.85
N ILE A 57 11.18 1.20 -18.66
CA ILE A 57 12.05 2.28 -18.23
C ILE A 57 11.50 3.57 -18.86
N ASP A 58 11.22 4.60 -18.05
CA ASP A 58 10.78 5.91 -18.53
C ASP A 58 11.95 6.88 -18.61
N VAL A 59 12.37 7.16 -19.84
CA VAL A 59 13.54 8.00 -20.11
C VAL A 59 13.04 9.41 -20.39
N GLY A 60 13.50 10.36 -19.56
CA GLY A 60 13.08 11.75 -19.62
C GLY A 60 14.24 12.73 -19.54
N GLY A 61 14.32 13.61 -20.52
CA GLY A 61 15.37 14.60 -20.61
C GLY A 61 14.92 16.04 -20.42
N GLU A 62 13.66 16.25 -20.02
CA GLU A 62 13.14 17.59 -19.72
C GLU A 62 12.48 17.53 -18.37
N SER A 63 12.87 18.39 -17.45
CA SER A 63 12.19 18.42 -16.15
C SER A 63 10.83 19.07 -16.34
N THR A 64 9.80 18.44 -15.75
CA THR A 64 8.47 19.05 -15.69
C THR A 64 8.01 19.23 -14.24
N ARG A 65 8.98 19.34 -13.33
CA ARG A 65 8.70 19.69 -11.94
CA ARG A 65 8.70 19.68 -11.94
C ARG A 65 8.10 21.08 -11.90
N PRO A 66 7.30 21.41 -10.87
CA PRO A 66 6.76 22.77 -10.80
C PRO A 66 7.84 23.82 -10.89
N GLY A 67 7.66 24.78 -11.78
CA GLY A 67 8.61 25.85 -11.97
C GLY A 67 9.74 25.55 -12.94
N ALA A 68 9.77 24.34 -13.52
CA ALA A 68 10.83 23.94 -14.44
C ALA A 68 10.95 24.86 -15.65
N ALA A 69 12.18 25.08 -16.09
CA ALA A 69 12.48 25.76 -17.34
C ALA A 69 12.40 24.80 -18.53
N GLU A 70 11.99 25.32 -19.67
CA GLU A 70 11.96 24.52 -20.88
C GLU A 70 13.40 24.22 -21.33
N VAL A 71 13.55 23.16 -22.12
CA VAL A 71 14.84 22.71 -22.63
C VAL A 71 14.76 22.73 -24.16
N SER A 72 15.85 23.10 -24.83
CA SER A 72 15.86 23.18 -26.30
C SER A 72 15.73 21.77 -26.90
N VAL A 73 15.21 21.70 -28.11
CA VAL A 73 15.06 20.41 -28.79
C VAL A 73 16.43 19.74 -28.99
N GLU A 74 17.48 20.53 -29.30
CA GLU A 74 18.81 19.94 -29.51
C GLU A 74 19.41 19.33 -28.21
N GLU A 75 19.18 20.00 -27.08
CA GLU A 75 19.63 19.49 -25.80
C GLU A 75 18.85 18.22 -25.42
N GLU A 76 17.53 18.23 -25.59
CA GLU A 76 16.73 17.07 -25.25
C GLU A 76 17.14 15.85 -26.11
N LEU A 77 17.39 16.08 -27.39
CA LEU A 77 17.86 14.99 -28.26
C LEU A 77 19.16 14.37 -27.75
N GLN A 78 20.15 15.22 -27.44
CA GLN A 78 21.45 14.75 -26.96
C GLN A 78 21.38 13.97 -25.63
N ARG A 79 20.50 14.40 -24.73
CA ARG A 79 20.25 13.70 -23.45
C ARG A 79 19.57 12.34 -23.64
N VAL A 80 18.57 12.29 -24.50
CA VAL A 80 17.61 11.17 -24.59
C VAL A 80 17.99 10.08 -25.59
N ILE A 81 18.35 10.48 -26.83
CA ILE A 81 18.44 9.51 -27.93
C ILE A 81 19.57 8.48 -27.77
N PRO A 82 20.79 8.90 -27.38
CA PRO A 82 21.83 7.92 -27.06
C PRO A 82 21.42 6.97 -25.91
N VAL A 83 20.62 7.46 -24.96
CA VAL A 83 20.20 6.62 -23.83
C VAL A 83 19.17 5.57 -24.24
N VAL A 84 18.16 5.96 -25.02
CA VAL A 84 17.17 5.02 -25.55
C VAL A 84 17.82 3.95 -26.44
N GLU A 85 18.77 4.38 -27.28
CA GLU A 85 19.46 3.51 -28.22
C GLU A 85 20.24 2.44 -27.46
N ALA A 86 21.11 2.90 -26.57
CA ALA A 86 21.94 2.03 -25.73
C ALA A 86 21.13 1.00 -24.94
N ILE A 87 19.98 1.40 -24.41
CA ILE A 87 19.08 0.47 -23.70
C ILE A 87 18.46 -0.56 -24.64
N ALA A 88 17.95 -0.09 -25.78
CA ALA A 88 17.28 -0.98 -26.74
C ALA A 88 18.24 -1.97 -27.39
N GLN A 89 19.51 -1.59 -27.54
CA GLN A 89 20.54 -2.47 -28.10
C GLN A 89 21.07 -3.51 -27.11
N ARG A 90 20.86 -3.28 -25.81
CA ARG A 90 21.39 -4.15 -24.78
C ARG A 90 20.35 -5.03 -24.08
N PHE A 91 19.16 -4.50 -23.80
CA PHE A 91 18.14 -5.22 -23.02
C PHE A 91 16.88 -5.41 -23.82
N GLU A 92 15.93 -6.12 -23.23
CA GLU A 92 14.62 -6.39 -23.83
C GLU A 92 13.48 -5.61 -23.15
N VAL A 93 13.80 -4.93 -22.07
CA VAL A 93 12.83 -4.13 -21.33
C VAL A 93 12.18 -3.14 -22.29
N TRP A 94 10.88 -2.88 -22.12
CA TRP A 94 10.24 -1.78 -22.81
C TRP A 94 10.78 -0.42 -22.36
N ILE A 95 10.62 0.55 -23.25
CA ILE A 95 11.21 1.89 -23.12
C ILE A 95 10.10 2.88 -23.39
N SER A 96 9.79 3.74 -22.41
CA SER A 96 8.91 4.87 -22.62
C SER A 96 9.75 6.14 -22.63
N VAL A 97 9.36 7.06 -23.50
CA VAL A 97 10.09 8.30 -23.67
C VAL A 97 9.16 9.44 -23.22
N ASP A 98 9.66 10.18 -22.24
CA ASP A 98 8.88 11.15 -21.51
C ASP A 98 9.25 12.45 -22.18
N THR A 99 8.53 12.80 -23.24
CA THR A 99 8.81 14.00 -24.03
C THR A 99 7.52 14.57 -24.65
N SER A 100 7.59 15.85 -24.99
CA SER A 100 6.54 16.57 -25.67
C SER A 100 6.92 17.02 -27.10
N LYS A 101 8.17 16.75 -27.51
CA LYS A 101 8.73 17.34 -28.73
C LYS A 101 8.61 16.39 -29.91
N PRO A 102 7.97 16.85 -31.02
CA PRO A 102 7.81 16.06 -32.24
C PRO A 102 9.07 15.31 -32.65
N GLU A 103 10.20 16.01 -32.62
CA GLU A 103 11.44 15.46 -33.15
C GLU A 103 11.94 14.36 -32.23
N VAL A 104 11.80 14.56 -30.91
CA VAL A 104 12.24 13.54 -29.95
C VAL A 104 11.36 12.31 -30.09
N ILE A 105 10.08 12.53 -30.33
CA ILE A 105 9.16 11.42 -30.60
C ILE A 105 9.63 10.59 -31.80
N ARG A 106 9.90 11.23 -32.93
CA ARG A 106 10.37 10.52 -34.15
C ARG A 106 11.70 9.81 -33.97
N GLU A 107 12.70 10.53 -33.49
CA GLU A 107 14.03 9.98 -33.33
C GLU A 107 14.09 8.85 -32.30
N SER A 108 13.23 8.92 -31.27
CA SER A 108 13.14 7.87 -30.24
C SER A 108 12.56 6.58 -30.80
N ALA A 109 11.44 6.69 -31.52
CA ALA A 109 10.82 5.55 -32.15
C ALA A 109 11.82 4.86 -33.11
N LYS A 110 12.54 5.65 -33.91
CA LYS A 110 13.55 5.12 -34.83
C LYS A 110 14.66 4.30 -34.16
N VAL A 111 14.99 4.61 -32.91
CA VAL A 111 16.03 3.88 -32.18
C VAL A 111 15.52 2.86 -31.15
N GLY A 112 14.24 2.50 -31.20
CA GLY A 112 13.68 1.40 -30.39
C GLY A 112 12.69 1.69 -29.23
N ALA A 113 12.23 2.94 -29.07
CA ALA A 113 11.27 3.27 -27.99
C ALA A 113 9.92 2.61 -28.24
N HIS A 114 9.18 2.31 -27.17
CA HIS A 114 7.89 1.60 -27.27
C HIS A 114 6.66 2.44 -26.93
N ILE A 115 6.78 3.34 -25.95
CA ILE A 115 5.63 4.18 -25.54
C ILE A 115 6.03 5.65 -25.58
N ILE A 116 5.12 6.50 -26.07
CA ILE A 116 5.27 7.95 -26.00
C ILE A 116 4.53 8.42 -24.76
N ASN A 117 5.28 8.85 -23.75
CA ASN A 117 4.66 9.24 -22.49
C ASN A 117 4.75 10.74 -22.42
N ASP A 118 3.71 11.42 -22.90
CA ASP A 118 3.73 12.86 -22.95
C ASP A 118 2.87 13.46 -21.86
N ILE A 119 3.51 14.17 -20.93
CA ILE A 119 2.82 14.85 -19.85
C ILE A 119 1.92 15.98 -20.39
N ARG A 120 2.21 16.46 -21.59
CA ARG A 120 1.38 17.50 -22.26
C ARG A 120 0.34 16.94 -23.24
N SER A 121 0.19 15.61 -23.29
CA SER A 121 -0.85 14.96 -24.13
C SER A 121 -0.83 15.44 -25.60
N LEU A 122 0.38 15.57 -26.13
CA LEU A 122 0.63 15.92 -27.54
C LEU A 122 0.08 17.29 -27.92
N SER A 123 0.20 18.23 -26.99
CA SER A 123 -0.34 19.56 -27.18
C SER A 123 0.61 20.43 -27.98
N GLU A 124 1.90 20.05 -28.07
CA GLU A 124 2.87 20.89 -28.77
C GLU A 124 2.66 20.81 -30.27
N PRO A 125 3.03 21.88 -31.01
CA PRO A 125 2.79 21.87 -32.46
C PRO A 125 3.48 20.69 -33.14
N GLY A 126 2.72 19.91 -33.91
CA GLY A 126 3.29 18.76 -34.62
C GLY A 126 3.48 17.48 -33.79
N ALA A 127 3.27 17.55 -32.47
CA ALA A 127 3.48 16.36 -31.62
C ALA A 127 2.45 15.27 -31.94
N LEU A 128 1.19 15.68 -32.10
CA LEU A 128 0.11 14.76 -32.42
C LEU A 128 0.38 13.97 -33.69
N GLU A 129 0.87 14.66 -34.72
CA GLU A 129 1.14 14.06 -36.01
C GLU A 129 2.33 13.13 -35.95
N ALA A 130 3.39 13.56 -35.26
CA ALA A 130 4.60 12.75 -35.04
C ALA A 130 4.32 11.43 -34.29
N ALA A 131 3.50 11.51 -33.24
CA ALA A 131 3.13 10.32 -32.47
C ALA A 131 2.39 9.30 -33.34
N ALA A 132 1.41 9.79 -34.11
CA ALA A 132 0.68 8.99 -35.09
C ALA A 132 1.60 8.29 -36.08
N GLU A 133 2.54 9.05 -36.64
CA GLU A 133 3.49 8.52 -37.61
C GLU A 133 4.30 7.33 -37.07
N THR A 134 4.61 7.30 -35.77
CA THR A 134 5.41 6.23 -35.19
C THR A 134 4.64 4.92 -35.07
N GLY A 135 3.32 5.00 -34.94
CA GLY A 135 2.51 3.84 -34.63
C GLY A 135 2.51 3.45 -33.17
N LEU A 136 3.35 4.07 -32.33
CA LEU A 136 3.57 3.64 -30.95
C LEU A 136 2.40 3.94 -30.02
N PRO A 137 2.26 3.14 -28.93
CA PRO A 137 1.35 3.53 -27.85
C PRO A 137 1.67 4.93 -27.26
N VAL A 138 0.64 5.60 -26.77
CA VAL A 138 0.67 7.00 -26.31
C VAL A 138 -0.05 7.14 -24.97
N CYS A 139 0.65 7.64 -23.95
CA CYS A 139 -0.01 7.95 -22.67
C CYS A 139 -0.51 9.39 -22.66
N LEU A 140 -1.78 9.55 -22.31
CA LEU A 140 -2.39 10.88 -22.16
C LEU A 140 -2.55 11.18 -20.71
N MET A 141 -1.86 12.23 -20.26
CA MET A 141 -1.90 12.65 -18.87
C MET A 141 -2.65 13.97 -18.66
N HIS A 142 -3.38 14.08 -17.56
CA HIS A 142 -3.98 15.32 -17.21
C HIS A 142 -3.02 16.29 -16.50
N MET A 143 -3.01 17.53 -16.96
CA MET A 143 -2.30 18.63 -16.29
C MET A 143 -3.19 19.87 -16.45
N GLN A 144 -3.38 20.62 -15.37
CA GLN A 144 -3.93 21.96 -15.43
C GLN A 144 -2.81 22.96 -15.63
N GLY A 145 -2.83 23.64 -16.78
CA GLY A 145 -1.86 24.69 -17.09
C GLY A 145 -0.60 24.07 -17.64
N ASN A 146 0.55 24.59 -17.22
CA ASN A 146 1.83 24.08 -17.69
C ASN A 146 2.82 24.05 -16.51
N PRO A 147 3.95 23.37 -16.66
CA PRO A 147 4.79 23.18 -15.46
C PRO A 147 5.26 24.47 -14.81
N LYS A 148 5.40 25.55 -15.58
CA LYS A 148 5.84 26.84 -15.01
C LYS A 148 4.89 27.37 -13.97
N THR A 149 3.58 27.23 -14.18
CA THR A 149 2.59 27.85 -13.30
C THR A 149 1.50 26.93 -12.72
N MET A 150 1.52 25.62 -13.03
CA MET A 150 0.44 24.71 -12.63
C MET A 150 0.21 24.67 -11.12
N GLN A 151 1.28 24.86 -10.32
CA GLN A 151 1.12 24.79 -8.87
C GLN A 151 0.88 26.15 -8.19
N GLU A 152 0.70 27.23 -8.94
CA GLU A 152 0.44 28.53 -8.33
C GLU A 152 -0.86 28.55 -7.53
N ALA A 153 -1.96 28.17 -8.19
CA ALA A 153 -3.26 28.10 -7.52
C ALA A 153 -4.15 27.11 -8.27
N PRO A 154 -3.90 25.82 -8.08
CA PRO A 154 -4.75 24.80 -8.70
C PRO A 154 -6.15 24.93 -8.19
N LYS A 155 -7.14 24.84 -9.08
CA LYS A 155 -8.53 25.07 -8.68
C LYS A 155 -9.44 24.22 -9.54
N TYR A 156 -10.43 23.59 -8.89
CA TYR A 156 -11.40 22.73 -9.55
C TYR A 156 -12.71 22.89 -8.79
N ASP A 157 -13.81 22.87 -9.52
CA ASP A 157 -15.14 22.72 -8.90
C ASP A 157 -15.32 21.26 -8.52
N ASP A 158 -14.84 20.38 -9.40
CA ASP A 158 -14.95 18.95 -9.18
C ASP A 158 -13.81 18.30 -9.94
N VAL A 159 -12.73 17.96 -9.23
CA VAL A 159 -11.50 17.53 -9.89
C VAL A 159 -11.64 16.23 -10.66
N PHE A 160 -12.36 15.27 -10.09
CA PHE A 160 -12.59 14.02 -10.78
C PHE A 160 -13.34 14.26 -12.12
N ALA A 161 -14.37 15.08 -12.07
CA ALA A 161 -15.21 15.35 -13.25
C ALA A 161 -14.38 16.06 -14.33
N GLU A 162 -13.57 17.02 -13.90
CA GLU A 162 -12.78 17.80 -14.85
C GLU A 162 -11.70 16.96 -15.48
N VAL A 163 -11.11 16.05 -14.71
CA VAL A 163 -10.08 15.17 -15.27
C VAL A 163 -10.79 14.17 -16.19
N ASN A 164 -11.92 13.66 -15.73
CA ASN A 164 -12.70 12.74 -16.59
C ASN A 164 -13.09 13.38 -17.95
N ARG A 165 -13.58 14.62 -17.93
CA ARG A 165 -13.95 15.37 -19.15
C ARG A 165 -12.70 15.55 -20.06
N TYR A 166 -11.58 15.92 -19.44
CA TYR A 166 -10.33 16.07 -20.17
C TYR A 166 -9.97 14.82 -20.94
N PHE A 167 -10.06 13.65 -20.32
CA PHE A 167 -9.75 12.41 -21.03
C PHE A 167 -10.71 12.17 -22.23
N ILE A 168 -12.01 12.41 -22.05
CA ILE A 168 -13.02 12.32 -23.16
C ILE A 168 -12.49 13.16 -24.36
N GLU A 169 -12.27 14.44 -24.09
CA GLU A 169 -11.76 15.38 -25.10
C GLU A 169 -10.47 14.92 -25.77
N GLN A 170 -9.46 14.52 -24.99
CA GLN A 170 -8.17 14.13 -25.55
C GLN A 170 -8.21 12.81 -26.29
N ILE A 171 -9.09 11.90 -25.86
CA ILE A 171 -9.29 10.66 -26.61
C ILE A 171 -9.87 11.00 -28.01
N ALA A 172 -10.92 11.80 -28.05
CA ALA A 172 -11.48 12.28 -29.32
C ALA A 172 -10.38 12.88 -30.22
N ARG A 173 -9.58 13.78 -29.63
CA ARG A 173 -8.48 14.46 -30.34
C ARG A 173 -7.49 13.50 -30.98
N CYS A 174 -7.06 12.47 -30.24
CA CYS A 174 -6.16 11.43 -30.78
C CYS A 174 -6.77 10.54 -31.86
N GLU A 175 -8.07 10.29 -31.74
CA GLU A 175 -8.82 9.50 -32.75
C GLU A 175 -8.92 10.24 -34.07
N GLN A 176 -9.30 11.52 -34.02
CA GLN A 176 -9.35 12.39 -35.21
C GLN A 176 -8.00 12.49 -35.93
N ALA A 177 -6.90 12.44 -35.17
CA ALA A 177 -5.57 12.45 -35.77
C ALA A 177 -5.15 11.08 -36.27
N GLY A 178 -5.97 10.06 -36.05
CA GLY A 178 -5.71 8.72 -36.58
C GLY A 178 -5.00 7.80 -35.62
N ILE A 179 -4.98 8.15 -34.33
CA ILE A 179 -4.45 7.26 -33.30
C ILE A 179 -5.66 6.52 -32.72
N ALA A 180 -5.64 5.20 -32.85
CA ALA A 180 -6.72 4.36 -32.38
C ALA A 180 -6.66 4.18 -30.86
N LYS A 181 -7.84 4.17 -30.22
CA LYS A 181 -8.01 3.93 -28.77
C LYS A 181 -7.09 2.86 -28.19
N GLU A 182 -6.88 1.80 -28.95
CA GLU A 182 -6.13 0.63 -28.47
C GLU A 182 -4.64 0.91 -28.26
N LYS A 183 -4.15 2.06 -28.74
CA LYS A 183 -2.79 2.52 -28.48
C LYS A 183 -2.70 3.45 -27.25
N LEU A 184 -3.84 3.91 -26.74
CA LEU A 184 -3.88 4.95 -25.72
C LEU A 184 -3.78 4.42 -24.28
N LEU A 185 -3.14 5.21 -23.40
CA LEU A 185 -3.20 5.01 -21.93
C LEU A 185 -3.61 6.31 -21.28
N LEU A 186 -4.24 6.21 -20.12
CA LEU A 186 -4.70 7.38 -19.38
C LEU A 186 -3.97 7.49 -18.06
N ASP A 187 -3.68 8.72 -17.67
CA ASP A 187 -2.98 9.01 -16.40
C ASP A 187 -3.54 10.29 -15.80
N PRO A 188 -4.06 10.24 -14.55
CA PRO A 188 -4.64 11.43 -13.94
C PRO A 188 -3.67 12.57 -13.59
N GLY A 189 -2.36 12.34 -13.71
CA GLY A 189 -1.36 13.41 -13.49
C GLY A 189 -1.22 13.88 -12.07
N PHE A 190 -0.85 12.97 -11.17
CA PHE A 190 -0.71 13.37 -9.78
C PHE A 190 0.41 14.43 -9.71
N GLY A 191 0.13 15.52 -9.02
CA GLY A 191 1.05 16.62 -8.85
C GLY A 191 1.04 17.66 -9.93
N PHE A 192 0.31 17.44 -11.03
CA PHE A 192 0.35 18.34 -12.16
C PHE A 192 -0.89 19.28 -12.12
N GLY A 193 -0.80 20.26 -11.24
CA GLY A 193 -1.80 21.30 -11.09
C GLY A 193 -2.88 20.83 -10.16
N LYS A 194 -2.47 20.34 -9.01
CA LYS A 194 -3.35 19.79 -7.99
C LYS A 194 -2.75 20.09 -6.64
N ASN A 195 -3.58 20.58 -5.72
CA ASN A 195 -3.26 20.53 -4.31
C ASN A 195 -3.43 19.12 -3.67
N LEU A 196 -3.10 19.02 -2.41
CA LEU A 196 -3.06 17.76 -1.68
C LEU A 196 -4.41 17.08 -1.75
N SER A 197 -5.46 17.83 -1.42
CA SER A 197 -6.80 17.27 -1.42
C SER A 197 -7.24 16.85 -2.83
N HIS A 198 -6.84 17.59 -3.86
CA HIS A 198 -7.16 17.21 -5.26
C HIS A 198 -6.54 15.87 -5.63
N ASN A 199 -5.25 15.70 -5.27
CA ASN A 199 -4.56 14.44 -5.56
C ASN A 199 -5.24 13.26 -4.87
N TYR A 200 -5.62 13.43 -3.61
CA TYR A 200 -6.25 12.31 -2.89
C TYR A 200 -7.66 11.99 -3.40
N SER A 201 -8.43 13.02 -3.79
CA SER A 201 -9.73 12.77 -4.46
C SER A 201 -9.56 11.91 -5.72
N LEU A 202 -8.52 12.17 -6.51
CA LEU A 202 -8.25 11.37 -7.69
C LEU A 202 -7.81 9.95 -7.39
N LEU A 203 -6.88 9.80 -6.44
CA LEU A 203 -6.48 8.45 -6.04
C LEU A 203 -7.66 7.63 -5.47
N ALA A 204 -8.50 8.26 -4.66
CA ALA A 204 -9.62 7.57 -4.02
C ALA A 204 -10.66 7.04 -5.05
N ARG A 205 -10.86 7.79 -6.14
CA ARG A 205 -11.81 7.42 -7.18
C ARG A 205 -11.15 6.89 -8.45
N LEU A 206 -9.90 6.45 -8.35
CA LEU A 206 -9.15 6.01 -9.53
C LEU A 206 -9.83 4.87 -10.32
N ALA A 207 -10.40 3.91 -9.61
CA ALA A 207 -11.07 2.78 -10.25
C ALA A 207 -12.15 3.22 -11.22
N GLU A 208 -12.79 4.34 -10.95
CA GLU A 208 -13.82 4.85 -11.84
C GLU A 208 -13.35 5.28 -13.22
N PHE A 209 -12.06 5.56 -13.40
CA PHE A 209 -11.51 5.82 -14.74
C PHE A 209 -11.42 4.58 -15.65
N HIS A 210 -11.65 3.37 -15.13
CA HIS A 210 -11.66 2.16 -15.96
C HIS A 210 -12.76 2.10 -17.03
N HIS A 211 -13.80 2.93 -16.91
CA HIS A 211 -14.91 2.92 -17.87
C HIS A 211 -14.46 3.13 -19.33
N PHE A 212 -13.41 3.91 -19.54
CA PHE A 212 -12.81 4.13 -20.87
C PHE A 212 -12.24 2.84 -21.44
N ASN A 213 -12.02 1.85 -20.58
CA ASN A 213 -11.51 0.56 -20.97
C ASN A 213 -10.11 0.66 -21.57
N LEU A 214 -9.30 1.56 -20.99
CA LEU A 214 -7.93 1.77 -21.42
C LEU A 214 -6.98 1.54 -20.25
N PRO A 215 -5.73 1.15 -20.54
CA PRO A 215 -4.74 1.04 -19.47
C PRO A 215 -4.64 2.32 -18.66
N LEU A 216 -4.33 2.18 -17.37
CA LEU A 216 -4.24 3.30 -16.44
C LEU A 216 -2.81 3.27 -15.91
N LEU A 217 -2.20 4.45 -15.91
CA LEU A 217 -0.79 4.66 -15.58
C LEU A 217 -0.83 5.73 -14.47
N VAL A 218 -0.01 5.56 -13.43
CA VAL A 218 0.00 6.51 -12.34
C VAL A 218 1.44 6.75 -11.94
N GLY A 219 1.73 7.97 -11.50
CA GLY A 219 3.05 8.33 -11.06
C GLY A 219 2.92 9.19 -9.83
N MET A 220 3.04 8.56 -8.65
CA MET A 220 2.99 9.25 -7.40
C MET A 220 4.34 9.25 -6.65
N SER A 221 5.30 8.43 -7.09
CA SER A 221 6.53 8.14 -6.34
C SER A 221 7.24 9.39 -5.85
N ARG A 222 7.35 9.54 -4.52
CA ARG A 222 8.13 10.59 -3.86
C ARG A 222 7.60 12.00 -4.07
N LYS A 223 6.35 12.13 -4.52
CA LYS A 223 5.81 13.45 -4.83
C LYS A 223 5.26 14.13 -3.58
N SER A 224 4.96 15.42 -3.67
CA SER A 224 4.54 16.17 -2.51
C SER A 224 3.24 15.70 -1.92
N MET A 225 2.37 14.99 -2.67
CA MET A 225 1.19 14.40 -2.03
C MET A 225 1.54 13.42 -0.89
N ILE A 226 2.71 12.80 -0.96
CA ILE A 226 3.28 12.09 0.19
C ILE A 226 4.02 13.02 1.18
N GLY A 227 4.93 13.85 0.69
CA GLY A 227 5.71 14.76 1.55
C GLY A 227 4.90 15.68 2.44
N GLN A 228 3.92 16.37 1.86
CA GLN A 228 3.10 17.33 2.61
C GLN A 228 2.27 16.60 3.63
N LEU A 229 1.78 15.41 3.28
CA LEU A 229 0.98 14.63 4.18
C LEU A 229 1.79 14.07 5.36
N LEU A 230 2.97 13.54 5.08
CA LEU A 230 3.85 13.00 6.14
C LEU A 230 4.80 14.01 6.79
N ASN A 231 4.99 15.19 6.19
CA ASN A 231 6.00 16.19 6.63
C ASN A 231 7.39 15.57 6.71
N VAL A 232 7.82 15.02 5.57
CA VAL A 232 9.15 14.45 5.41
C VAL A 232 9.69 14.91 4.07
N GLY A 233 11.01 14.93 3.92
CA GLY A 233 11.66 15.28 2.65
C GLY A 233 11.62 14.17 1.62
N PRO A 234 12.18 14.42 0.42
CA PRO A 234 12.10 13.49 -0.73
C PRO A 234 12.76 12.11 -0.55
N SER A 235 13.74 11.99 0.34
CA SER A 235 14.43 10.71 0.53
C SER A 235 13.74 9.89 1.63
N GLU A 236 12.76 10.49 2.30
CA GLU A 236 12.05 9.82 3.38
C GLU A 236 10.63 9.32 3.00
N ARG A 237 10.36 9.21 1.71
CA ARG A 237 8.98 8.95 1.21
C ARG A 237 8.72 7.54 0.70
N LEU A 238 9.61 6.59 0.95
CA LEU A 238 9.40 5.26 0.41
C LEU A 238 8.09 4.59 0.87
N SER A 239 7.80 4.61 2.17
CA SER A 239 6.65 3.89 2.67
C SER A 239 5.37 4.50 2.11
N GLY A 240 5.30 5.83 2.12
CA GLY A 240 4.20 6.58 1.49
C GLY A 240 4.04 6.23 0.03
N SER A 241 5.15 6.16 -0.70
CA SER A 241 5.13 5.85 -2.13
C SER A 241 4.59 4.46 -2.37
N LEU A 242 4.98 3.51 -1.52
CA LEU A 242 4.48 2.16 -1.65
C LEU A 242 3.01 2.09 -1.34
N ALA A 243 2.58 2.81 -0.30
CA ALA A 243 1.19 2.86 0.02
C ALA A 243 0.38 3.36 -1.19
N CYS A 244 0.79 4.46 -1.81
CA CYS A 244 0.14 4.97 -3.03
C CYS A 244 0.08 3.97 -4.17
N ALA A 245 1.20 3.30 -4.43
CA ALA A 245 1.29 2.30 -5.44
C ALA A 245 0.29 1.16 -5.22
N VAL A 246 0.20 0.68 -3.98
CA VAL A 246 -0.68 -0.42 -3.63
C VAL A 246 -2.14 -0.01 -3.73
N ILE A 247 -2.46 1.19 -3.26
CA ILE A 247 -3.82 1.74 -3.36
C ILE A 247 -4.28 1.82 -4.82
N ALA A 248 -3.37 2.23 -5.70
CA ALA A 248 -3.64 2.31 -7.12
C ALA A 248 -3.76 0.94 -7.74
N ALA A 249 -2.79 0.08 -7.49
CA ALA A 249 -2.76 -1.24 -8.11
C ALA A 249 -3.94 -2.12 -7.67
N MET A 250 -4.36 -1.96 -6.41
CA MET A 250 -5.58 -2.62 -5.92
C MET A 250 -6.86 -2.15 -6.61
N GLN A 251 -6.85 -0.94 -7.18
CA GLN A 251 -7.99 -0.44 -7.97
C GLN A 251 -7.82 -0.74 -9.46
N GLY A 252 -6.88 -1.60 -9.83
CA GLY A 252 -6.72 -2.01 -11.21
C GLY A 252 -5.79 -1.20 -12.11
N ALA A 253 -5.02 -0.26 -11.56
CA ALA A 253 -4.01 0.46 -12.34
C ALA A 253 -3.01 -0.51 -12.94
N HIS A 254 -2.67 -0.30 -14.20
CA HIS A 254 -1.87 -1.26 -14.95
C HIS A 254 -0.39 -1.01 -14.90
N ILE A 255 0.04 0.26 -14.79
CA ILE A 255 1.47 0.64 -14.74
C ILE A 255 1.71 1.66 -13.64
N ILE A 256 2.75 1.43 -12.83
CA ILE A 256 3.08 2.29 -11.70
C ILE A 256 4.47 2.83 -11.97
N ARG A 257 4.58 4.16 -12.04
CA ARG A 257 5.84 4.81 -12.39
C ARG A 257 6.56 5.17 -11.09
N VAL A 258 7.75 4.62 -10.87
CA VAL A 258 8.43 4.74 -9.57
C VAL A 258 9.92 4.94 -9.63
N HIS A 259 10.48 5.47 -8.55
CA HIS A 259 11.93 5.53 -8.34
C HIS A 259 12.49 4.26 -7.70
N ASP A 260 11.71 3.64 -6.81
CA ASP A 260 12.16 2.57 -5.92
C ASP A 260 11.57 1.27 -6.44
N VAL A 261 12.26 0.67 -7.39
CA VAL A 261 11.72 -0.42 -8.21
C VAL A 261 11.58 -1.75 -7.46
N LYS A 262 12.66 -2.20 -6.82
CA LYS A 262 12.65 -3.49 -6.11
C LYS A 262 11.48 -3.55 -5.16
N GLU A 263 11.41 -2.55 -4.30
CA GLU A 263 10.39 -2.49 -3.26
C GLU A 263 9.00 -2.45 -3.86
N THR A 264 8.81 -1.66 -4.92
CA THR A 264 7.50 -1.61 -5.58
C THR A 264 7.09 -2.93 -6.21
N VAL A 265 8.05 -3.59 -6.85
CA VAL A 265 7.79 -4.89 -7.47
C VAL A 265 7.32 -5.90 -6.39
N GLU A 266 7.99 -5.88 -5.25
CA GLU A 266 7.59 -6.77 -4.14
C GLU A 266 6.16 -6.51 -3.71
N ALA A 267 5.80 -5.22 -3.56
CA ALA A 267 4.47 -4.84 -3.16
C ALA A 267 3.43 -5.26 -4.20
N MET A 268 3.81 -5.21 -5.48
CA MET A 268 2.91 -5.58 -6.57
C MET A 268 2.61 -7.08 -6.62
N ARG A 269 3.56 -7.91 -6.20
CA ARG A 269 3.32 -9.37 -6.05
C ARG A 269 2.24 -9.63 -5.03
N VAL A 270 2.26 -8.88 -3.94
CA VAL A 270 1.29 -9.09 -2.87
C VAL A 270 -0.06 -8.68 -3.40
N VAL A 271 -0.11 -7.55 -4.11
CA VAL A 271 -1.35 -7.12 -4.76
C VAL A 271 -1.86 -8.18 -5.75
N GLU A 272 -0.96 -8.73 -6.57
CA GLU A 272 -1.31 -9.77 -7.58
C GLU A 272 -1.94 -11.00 -6.90
N ALA A 273 -1.26 -11.51 -5.87
CA ALA A 273 -1.79 -12.61 -5.07
C ALA A 273 -3.18 -12.32 -4.51
N THR A 274 -3.39 -11.10 -4.04
CA THR A 274 -4.66 -10.71 -3.47
C THR A 274 -5.76 -10.61 -4.53
N LEU A 275 -5.43 -10.00 -5.68
CA LEU A 275 -6.40 -9.90 -6.79
C LEU A 275 -6.69 -11.28 -7.39
N SER A 276 -5.68 -12.14 -7.50
CA SER A 276 -5.91 -13.48 -8.08
C SER A 276 -6.83 -14.33 -7.20
N ALA A 277 -6.75 -14.13 -5.87
CA ALA A 277 -7.69 -14.77 -4.94
C ALA A 277 -9.10 -14.15 -4.94
N LYS A 278 -9.24 -12.92 -5.41
CA LYS A 278 -10.54 -12.25 -5.42
C LYS A 278 -11.39 -12.70 -6.63
N GLU A 279 -12.72 -12.67 -6.46
CA GLU A 279 -13.64 -13.07 -7.53
C GLU A 279 -13.65 -12.06 -8.68
N ASN A 280 -14.06 -10.82 -8.41
CA ASN A 280 -14.19 -9.78 -9.45
C ASN A 280 -12.87 -9.08 -9.91
N LYS A 281 -11.76 -9.38 -9.23
CA LYS A 281 -10.41 -8.92 -9.62
C LYS A 281 -10.18 -7.38 -9.59
N ARG A 282 -10.88 -6.69 -8.70
CA ARG A 282 -10.65 -5.24 -8.46
C ARG A 282 -11.28 -4.78 -7.15
N TYR A 283 -10.74 -3.69 -6.58
CA TYR A 283 -11.36 -2.99 -5.45
C TYR A 283 -11.97 -1.66 -5.85
N GLU A 284 -13.12 -1.36 -5.25
CA GLU A 284 -13.89 -0.16 -5.55
C GLU A 284 -14.64 0.29 -4.30
N SER B 2 -18.62 5.15 13.81
CA SER B 2 -17.96 5.74 15.04
C SER B 2 -17.67 4.65 16.08
N MET B 3 -16.88 3.66 15.67
CA MET B 3 -16.55 2.53 16.52
C MET B 3 -15.49 2.95 17.57
N LYS B 4 -15.74 2.62 18.84
CA LYS B 4 -14.79 2.90 19.92
C LYS B 4 -14.71 1.75 20.93
N LEU B 5 -13.53 1.58 21.52
CA LEU B 5 -13.33 0.63 22.62
C LEU B 5 -13.02 1.40 23.90
N PHE B 6 -13.37 0.81 25.05
CA PHE B 6 -13.20 1.44 26.36
C PHE B 6 -12.43 0.49 27.28
N ALA B 7 -11.45 1.03 28.00
CA ALA B 7 -10.68 0.26 28.96
C ALA B 7 -9.86 1.18 29.80
N GLN B 8 -9.76 0.85 31.09
CA GLN B 8 -8.86 1.52 32.02
C GLN B 8 -9.08 3.03 32.04
N GLY B 9 -10.35 3.42 31.94
CA GLY B 9 -10.73 4.86 31.95
C GLY B 9 -10.40 5.67 30.72
N THR B 10 -10.00 5.01 29.63
CA THR B 10 -9.69 5.72 28.38
C THR B 10 -10.44 5.03 27.26
N SER B 11 -10.40 5.61 26.08
CA SER B 11 -11.06 5.05 24.92
C SER B 11 -10.14 5.05 23.74
N LEU B 12 -10.39 4.12 22.84
CA LEU B 12 -9.67 4.03 21.59
C LEU B 12 -10.63 4.36 20.44
N ASP B 13 -10.30 5.40 19.68
CA ASP B 13 -11.17 5.89 18.59
C ASP B 13 -10.85 5.14 17.31
N LEU B 14 -11.75 4.27 16.88
CA LEU B 14 -11.47 3.39 15.73
C LEU B 14 -12.02 3.94 14.39
N SER B 15 -12.09 5.26 14.28
CA SER B 15 -12.52 5.89 13.04
C SER B 15 -11.38 5.96 12.03
N HIS B 16 -10.17 5.60 12.44
CA HIS B 16 -9.02 5.54 11.53
C HIS B 16 -8.16 4.37 11.95
N PRO B 17 -7.29 3.88 11.06
CA PRO B 17 -6.56 2.68 11.42
C PRO B 17 -5.44 2.95 12.43
N HIS B 18 -5.31 2.05 13.40
CA HIS B 18 -4.25 2.11 14.41
C HIS B 18 -3.18 1.07 14.15
N VAL B 19 -1.94 1.43 14.47
CA VAL B 19 -0.79 0.55 14.38
C VAL B 19 -0.44 0.06 15.80
N MET B 20 -0.43 -1.27 15.92
CA MET B 20 -0.07 -1.94 17.16
C MET B 20 1.34 -2.50 16.98
N GLY B 21 2.29 -1.97 17.73
CA GLY B 21 3.68 -2.39 17.69
C GLY B 21 3.91 -3.59 18.60
N ILE B 22 4.86 -4.44 18.24
CA ILE B 22 5.10 -5.70 18.91
C ILE B 22 6.30 -5.51 19.82
N LEU B 23 6.14 -5.83 21.09
CA LEU B 23 7.26 -5.73 22.04
C LEU B 23 7.73 -7.11 22.49
N ASN B 24 9.02 -7.42 22.32
CA ASN B 24 9.66 -8.64 22.89
C ASN B 24 9.96 -8.51 24.38
N VAL B 25 9.42 -9.38 25.23
CA VAL B 25 9.80 -9.37 26.68
C VAL B 25 11.04 -10.23 26.95
N ASN B 37 17.00 -4.51 34.17
CA ASN B 37 17.48 -5.24 32.98
C ASN B 37 16.43 -5.25 31.86
N SER B 38 15.62 -6.31 31.77
CA SER B 38 14.52 -6.42 30.81
C SER B 38 13.70 -5.14 30.76
N LEU B 39 13.34 -4.68 31.96
CA LEU B 39 12.34 -3.66 32.16
C LEU B 39 12.79 -2.31 31.59
N ILE B 40 14.04 -1.95 31.85
CA ILE B 40 14.61 -0.74 31.27
C ILE B 40 14.61 -0.76 29.75
N ASP B 41 14.97 -1.91 29.16
CA ASP B 41 14.99 -2.03 27.71
C ASP B 41 13.59 -2.11 27.13
N ALA B 42 12.67 -2.75 27.84
CA ALA B 42 11.25 -2.81 27.42
C ALA B 42 10.63 -1.42 27.34
N VAL B 43 10.84 -0.62 28.39
CA VAL B 43 10.35 0.78 28.42
C VAL B 43 11.01 1.61 27.33
N LYS B 44 12.28 1.30 27.05
CA LYS B 44 13.01 1.96 25.98
C LYS B 44 12.38 1.66 24.61
N HIS B 45 12.11 0.38 24.35
CA HIS B 45 11.55 -0.03 23.07
C HIS B 45 10.12 0.48 22.92
N ALA B 46 9.32 0.36 23.98
CA ALA B 46 7.97 0.95 24.02
C ALA B 46 8.01 2.42 23.67
N ASN B 47 8.92 3.17 24.30
CA ASN B 47 9.08 4.59 24.00
C ASN B 47 9.39 4.85 22.51
N LEU B 48 10.26 4.03 21.92
CA LEU B 48 10.59 4.22 20.51
C LEU B 48 9.38 3.96 19.62
N MET B 49 8.58 2.95 19.95
CA MET B 49 7.43 2.59 19.13
C MET B 49 6.36 3.66 19.22
N ILE B 50 6.17 4.21 20.43
CA ILE B 50 5.24 5.34 20.63
C ILE B 50 5.69 6.55 19.82
N ASN B 51 6.99 6.87 19.87
CA ASN B 51 7.56 7.97 19.07
C ASN B 51 7.38 7.77 17.57
N ALA B 52 7.34 6.52 17.13
CA ALA B 52 7.11 6.19 15.72
C ALA B 52 5.63 6.19 15.34
N GLY B 53 4.76 6.26 16.34
CA GLY B 53 3.33 6.47 16.16
C GLY B 53 2.42 5.32 16.44
N ALA B 54 2.93 4.27 17.09
CA ALA B 54 2.06 3.19 17.57
C ALA B 54 1.13 3.70 18.64
N THR B 55 -0.14 3.32 18.56
CA THR B 55 -1.11 3.67 19.56
C THR B 55 -1.51 2.53 20.44
N ILE B 56 -1.01 1.33 20.14
CA ILE B 56 -1.20 0.19 20.98
C ILE B 56 0.13 -0.55 20.97
N ILE B 57 0.52 -1.11 22.10
CA ILE B 57 1.74 -1.95 22.20
C ILE B 57 1.29 -3.35 22.59
N ASP B 58 1.68 -4.36 21.82
CA ASP B 58 1.35 -5.75 22.13
C ASP B 58 2.51 -6.42 22.91
N VAL B 59 2.26 -6.78 24.15
CA VAL B 59 3.35 -7.25 25.03
C VAL B 59 3.42 -8.79 25.00
N GLY B 60 4.61 -9.30 24.62
CA GLY B 60 4.87 -10.71 24.36
C GLY B 60 6.06 -10.89 23.38
N GLY B 61 5.78 -10.80 22.08
CA GLY B 61 6.80 -10.95 21.04
C GLY B 61 7.32 -12.39 20.93
N GLU B 62 8.65 -12.55 20.89
CA GLU B 62 9.32 -13.86 20.72
C GLU B 62 9.01 -14.86 21.84
N SER B 63 8.94 -14.36 23.08
CA SER B 63 8.63 -15.18 24.27
C SER B 63 7.25 -15.86 24.21
N THR B 64 6.32 -15.26 23.44
CA THR B 64 4.95 -15.73 23.32
C THR B 64 4.60 -16.30 21.93
N ARG B 65 5.57 -16.36 21.01
CA ARG B 65 5.35 -17.02 19.69
C ARG B 65 4.91 -18.46 19.88
N PRO B 66 4.04 -18.97 18.98
CA PRO B 66 3.76 -20.42 19.00
C PRO B 66 5.03 -21.21 18.68
N GLY B 67 5.24 -22.31 19.40
CA GLY B 67 6.48 -23.10 19.32
C GLY B 67 7.48 -22.77 20.41
N ALA B 68 7.43 -21.54 20.93
CA ALA B 68 8.30 -21.10 22.02
C ALA B 68 8.09 -21.96 23.26
N ALA B 69 9.02 -21.82 24.20
CA ALA B 69 9.01 -22.64 25.39
C ALA B 69 7.85 -22.24 26.30
N GLU B 70 6.94 -23.17 26.55
CA GLU B 70 5.87 -22.93 27.52
C GLU B 70 6.51 -22.58 28.83
N VAL B 71 5.79 -21.78 29.62
CA VAL B 71 6.31 -21.31 30.90
C VAL B 71 5.26 -21.51 31.98
N SER B 72 5.72 -21.51 33.23
CA SER B 72 4.83 -21.69 34.34
C SER B 72 4.05 -20.41 34.58
N VAL B 73 2.95 -20.55 35.32
CA VAL B 73 2.13 -19.41 35.69
C VAL B 73 2.99 -18.34 36.31
N GLU B 74 3.74 -18.70 37.34
CA GLU B 74 4.58 -17.73 38.04
C GLU B 74 5.67 -17.09 37.18
N GLU B 75 6.12 -17.80 36.14
CA GLU B 75 7.12 -17.24 35.25
C GLU B 75 6.51 -16.21 34.33
N GLU B 76 5.39 -16.56 33.68
CA GLU B 76 4.66 -15.61 32.81
C GLU B 76 4.29 -14.33 33.60
N LEU B 77 3.80 -14.47 34.83
CA LEU B 77 3.50 -13.29 35.70
C LEU B 77 4.72 -12.43 35.99
N GLN B 78 5.83 -13.08 36.31
CA GLN B 78 7.07 -12.39 36.57
C GLN B 78 7.61 -11.63 35.36
N ARG B 79 7.34 -12.18 34.18
CA ARG B 79 7.85 -11.67 32.92
C ARG B 79 6.94 -10.55 32.35
N VAL B 80 5.63 -10.75 32.45
CA VAL B 80 4.64 -9.88 31.78
C VAL B 80 4.18 -8.71 32.65
N ILE B 81 3.85 -9.00 33.91
CA ILE B 81 3.21 -8.00 34.78
C ILE B 81 4.04 -6.73 34.99
N PRO B 82 5.32 -6.85 35.34
CA PRO B 82 6.12 -5.64 35.52
C PRO B 82 6.34 -4.77 34.26
N VAL B 83 6.27 -5.39 33.09
CA VAL B 83 6.36 -4.65 31.83
C VAL B 83 5.07 -3.86 31.58
N VAL B 84 3.93 -4.51 31.74
CA VAL B 84 2.62 -3.87 31.58
C VAL B 84 2.49 -2.72 32.58
N GLU B 85 2.83 -3.00 33.83
CA GLU B 85 2.82 -2.00 34.89
C GLU B 85 3.66 -0.79 34.52
N ALA B 86 4.91 -1.03 34.09
CA ALA B 86 5.84 0.04 33.77
C ALA B 86 5.38 0.90 32.59
N ILE B 87 4.78 0.27 31.60
CA ILE B 87 4.25 1.01 30.45
C ILE B 87 3.02 1.83 30.88
N ALA B 88 2.10 1.19 31.60
CA ALA B 88 0.91 1.86 32.11
C ALA B 88 1.20 3.10 32.97
N GLN B 89 2.30 3.05 33.74
CA GLN B 89 2.71 4.16 34.61
C GLN B 89 3.32 5.31 33.88
N ARG B 90 4.05 5.03 32.80
CA ARG B 90 4.81 6.05 32.08
C ARG B 90 4.15 6.62 30.84
N PHE B 91 3.24 5.88 30.20
CA PHE B 91 2.70 6.32 28.91
C PHE B 91 1.17 6.28 28.87
N GLU B 92 0.59 6.93 27.87
CA GLU B 92 -0.88 6.91 27.63
C GLU B 92 -1.27 5.88 26.56
N VAL B 93 -0.27 5.23 25.95
CA VAL B 93 -0.52 4.18 24.94
C VAL B 93 -1.42 3.06 25.47
N TRP B 94 -2.18 2.46 24.58
CA TRP B 94 -2.89 1.25 24.95
C TRP B 94 -1.94 0.05 24.93
N ILE B 95 -2.26 -0.93 25.76
CA ILE B 95 -1.43 -2.10 26.00
C ILE B 95 -2.27 -3.33 25.70
N SER B 96 -1.82 -4.12 24.75
CA SER B 96 -2.42 -5.42 24.46
C SER B 96 -1.53 -6.47 25.12
N VAL B 97 -2.13 -7.46 25.78
CA VAL B 97 -1.37 -8.52 26.45
C VAL B 97 -1.60 -9.87 25.79
N ASP B 98 -0.49 -10.49 25.38
CA ASP B 98 -0.44 -11.85 24.77
C ASP B 98 -0.40 -12.89 25.86
N THR B 99 -1.54 -13.49 26.14
CA THR B 99 -1.58 -14.57 27.12
C THR B 99 -2.79 -15.45 26.92
N SER B 100 -2.65 -16.68 27.41
CA SER B 100 -3.68 -17.65 27.47
C SER B 100 -4.05 -18.01 28.92
N LYS B 101 -3.29 -17.58 29.91
CA LYS B 101 -3.48 -18.05 31.28
C LYS B 101 -4.40 -17.09 32.07
N PRO B 102 -5.45 -17.63 32.73
CA PRO B 102 -6.39 -16.82 33.52
C PRO B 102 -5.74 -15.94 34.58
N GLU B 103 -4.73 -16.43 35.29
CA GLU B 103 -4.05 -15.62 36.30
C GLU B 103 -3.36 -14.41 35.71
N VAL B 104 -2.84 -14.57 34.49
CA VAL B 104 -2.09 -13.52 33.85
C VAL B 104 -3.06 -12.47 33.32
N ILE B 105 -4.16 -12.92 32.73
CA ILE B 105 -5.27 -12.05 32.34
C ILE B 105 -5.71 -11.16 33.52
N ARG B 106 -5.96 -11.81 34.67
CA ARG B 106 -6.42 -11.12 35.88
C ARG B 106 -5.46 -10.10 36.38
N GLU B 107 -4.22 -10.51 36.55
CA GLU B 107 -3.19 -9.61 37.07
C GLU B 107 -2.76 -8.52 36.10
N SER B 108 -2.82 -8.82 34.80
CA SER B 108 -2.58 -7.82 33.75
C SER B 108 -3.58 -6.66 33.82
N ALA B 109 -4.85 -6.98 33.96
CA ALA B 109 -5.93 -5.98 34.09
C ALA B 109 -5.71 -5.11 35.32
N LYS B 110 -5.29 -5.71 36.43
CA LYS B 110 -5.03 -4.96 37.66
C LYS B 110 -3.94 -3.95 37.51
N VAL B 111 -2.96 -4.19 36.64
CA VAL B 111 -1.88 -3.24 36.48
C VAL B 111 -1.99 -2.35 35.25
N GLY B 112 -3.10 -2.39 34.52
CA GLY B 112 -3.31 -1.41 33.45
C GLY B 112 -3.48 -1.84 32.01
N ALA B 113 -3.52 -3.15 31.75
CA ALA B 113 -3.71 -3.67 30.38
C ALA B 113 -5.07 -3.27 29.79
N HIS B 114 -5.08 -3.00 28.50
CA HIS B 114 -6.28 -2.57 27.83
C HIS B 114 -6.96 -3.67 27.01
N ILE B 115 -6.18 -4.53 26.35
CA ILE B 115 -6.73 -5.58 25.50
C ILE B 115 -6.13 -6.93 25.86
N ILE B 116 -6.98 -7.96 25.93
CA ILE B 116 -6.52 -9.35 26.06
C ILE B 116 -6.39 -9.91 24.66
N ASN B 117 -5.18 -10.27 24.29
CA ASN B 117 -4.91 -10.80 22.96
C ASN B 117 -4.48 -12.24 23.08
N ASP B 118 -5.46 -13.13 23.14
CA ASP B 118 -5.17 -14.55 23.24
C ASP B 118 -5.44 -15.19 21.89
N ILE B 119 -4.38 -15.72 21.30
CA ILE B 119 -4.49 -16.44 20.02
C ILE B 119 -5.46 -17.63 20.11
N ARG B 120 -5.54 -18.24 21.31
CA ARG B 120 -6.45 -19.34 21.57
C ARG B 120 -7.89 -18.96 21.85
N SER B 121 -8.25 -17.67 21.70
CA SER B 121 -9.61 -17.18 21.96
C SER B 121 -10.16 -17.68 23.32
N LEU B 122 -9.31 -17.63 24.35
CA LEU B 122 -9.70 -17.94 25.72
C LEU B 122 -10.21 -19.39 25.86
N SER B 123 -9.43 -20.33 25.33
CA SER B 123 -9.80 -21.74 25.31
C SER B 123 -9.29 -22.48 26.55
N GLU B 124 -8.16 -22.07 27.11
CA GLU B 124 -7.61 -22.74 28.28
C GLU B 124 -8.59 -22.68 29.48
N PRO B 125 -8.50 -23.66 30.42
CA PRO B 125 -9.45 -23.65 31.55
C PRO B 125 -9.39 -22.36 32.36
N GLY B 126 -10.54 -21.75 32.59
CA GLY B 126 -10.63 -20.51 33.33
C GLY B 126 -10.38 -19.22 32.56
N ALA B 127 -9.86 -19.30 31.33
CA ALA B 127 -9.50 -18.08 30.62
C ALA B 127 -10.71 -17.23 30.27
N LEU B 128 -11.79 -17.86 29.82
CA LEU B 128 -12.97 -17.12 29.43
C LEU B 128 -13.60 -16.38 30.60
N GLU B 129 -13.62 -17.03 31.78
CA GLU B 129 -14.21 -16.42 32.97
C GLU B 129 -13.33 -15.30 33.47
N ALA B 130 -12.01 -15.48 33.40
CA ALA B 130 -11.09 -14.45 33.85
C ALA B 130 -11.21 -13.21 32.95
N ALA B 131 -11.24 -13.43 31.64
CA ALA B 131 -11.43 -12.33 30.68
C ALA B 131 -12.74 -11.59 30.96
N ALA B 132 -13.84 -12.34 31.11
CA ALA B 132 -15.14 -11.75 31.46
C ALA B 132 -15.07 -10.87 32.71
N GLU B 133 -14.40 -11.34 33.75
CA GLU B 133 -14.23 -10.56 34.99
C GLU B 133 -13.53 -9.23 34.81
N THR B 134 -12.57 -9.14 33.90
CA THR B 134 -11.78 -7.92 33.76
C THR B 134 -12.60 -6.79 33.16
N GLY B 135 -13.66 -7.13 32.40
CA GLY B 135 -14.39 -6.15 31.61
C GLY B 135 -13.64 -5.58 30.42
N LEU B 136 -12.45 -6.11 30.09
CA LEU B 136 -11.61 -5.54 29.05
C LEU B 136 -12.01 -6.06 27.67
N PRO B 137 -11.64 -5.31 26.61
CA PRO B 137 -11.70 -5.82 25.25
C PRO B 137 -10.93 -7.11 25.04
N VAL B 138 -11.51 -8.00 24.24
CA VAL B 138 -10.94 -9.33 23.94
C VAL B 138 -10.81 -9.55 22.43
N CYS B 139 -9.63 -9.96 21.97
CA CYS B 139 -9.44 -10.34 20.58
C CYS B 139 -9.82 -11.81 20.39
N LEU B 140 -10.70 -12.08 19.42
CA LEU B 140 -11.07 -13.43 18.97
C LEU B 140 -10.33 -13.76 17.68
N MET B 141 -9.27 -14.56 17.78
CA MET B 141 -8.44 -14.91 16.64
C MET B 141 -8.80 -16.31 16.13
N HIS B 142 -8.72 -16.50 14.82
CA HIS B 142 -8.97 -17.83 14.23
C HIS B 142 -7.65 -18.59 14.11
N MET B 143 -7.69 -19.84 14.55
CA MET B 143 -6.54 -20.74 14.47
C MET B 143 -7.05 -22.15 14.12
N GLN B 144 -6.13 -23.04 13.75
CA GLN B 144 -6.44 -24.48 13.60
C GLN B 144 -5.25 -25.33 14.02
N ALA B 153 0.03 -29.75 6.89
CA ALA B 153 -0.64 -29.13 5.75
C ALA B 153 -2.10 -28.77 6.12
N PRO B 154 -2.48 -27.46 6.03
CA PRO B 154 -3.88 -27.05 6.31
C PRO B 154 -4.90 -27.33 5.20
N LYS B 155 -6.20 -27.30 5.55
CA LYS B 155 -7.26 -27.62 4.58
C LYS B 155 -8.64 -27.09 4.97
N TYR B 156 -9.37 -26.56 3.98
CA TYR B 156 -10.71 -25.97 4.16
C TYR B 156 -11.57 -26.18 2.91
N ASP B 157 -12.89 -26.17 3.06
CA ASP B 157 -13.79 -26.10 1.90
C ASP B 157 -13.85 -24.68 1.37
N ASP B 158 -14.30 -23.76 2.21
CA ASP B 158 -14.38 -22.33 1.91
C ASP B 158 -13.79 -21.62 3.15
N VAL B 159 -12.50 -21.32 3.10
CA VAL B 159 -11.77 -20.81 4.27
C VAL B 159 -12.43 -19.58 4.88
N PHE B 160 -12.96 -18.71 4.03
CA PHE B 160 -13.75 -17.60 4.50
C PHE B 160 -14.94 -18.08 5.34
N ALA B 161 -15.82 -18.90 4.76
CA ALA B 161 -17.00 -19.43 5.49
C ALA B 161 -16.67 -20.12 6.82
N GLU B 162 -15.55 -20.86 6.88
CA GLU B 162 -15.07 -21.54 8.11
C GLU B 162 -14.59 -20.53 9.18
N VAL B 163 -13.85 -19.51 8.75
CA VAL B 163 -13.48 -18.41 9.62
C VAL B 163 -14.74 -17.67 10.07
N ASN B 164 -15.66 -17.39 9.13
CA ASN B 164 -16.89 -16.67 9.46
C ASN B 164 -17.70 -17.33 10.55
N ARG B 165 -17.92 -18.63 10.41
CA ARG B 165 -18.75 -19.41 11.34
C ARG B 165 -18.05 -19.53 12.70
N TYR B 166 -16.72 -19.69 12.67
CA TYR B 166 -15.89 -19.62 13.88
C TYR B 166 -16.13 -18.33 14.68
N PHE B 167 -16.17 -17.20 13.99
CA PHE B 167 -16.52 -15.93 14.62
C PHE B 167 -17.93 -15.95 15.20
N ILE B 168 -18.91 -16.50 14.46
CA ILE B 168 -20.29 -16.54 14.95
C ILE B 168 -20.34 -17.35 16.26
N GLU B 169 -19.55 -18.40 16.30
CA GLU B 169 -19.46 -19.30 17.44
C GLU B 169 -18.80 -18.64 18.66
N GLN B 170 -17.65 -18.00 18.45
CA GLN B 170 -16.95 -17.33 19.55
C GLN B 170 -17.67 -16.11 20.12
N ILE B 171 -18.35 -15.34 19.28
CA ILE B 171 -19.15 -14.21 19.72
C ILE B 171 -20.25 -14.68 20.68
N ALA B 172 -20.87 -15.82 20.36
CA ALA B 172 -21.96 -16.35 21.18
C ALA B 172 -21.42 -16.94 22.48
N ARG B 173 -20.33 -17.70 22.38
CA ARG B 173 -19.61 -18.22 23.55
C ARG B 173 -19.18 -17.12 24.53
N CYS B 174 -18.70 -16.00 23.99
CA CYS B 174 -18.30 -14.86 24.82
C CYS B 174 -19.49 -14.18 25.45
N GLU B 175 -20.52 -13.95 24.63
CA GLU B 175 -21.78 -13.38 25.10
C GLU B 175 -22.47 -14.27 26.13
N GLN B 176 -22.31 -15.59 25.97
CA GLN B 176 -22.78 -16.57 26.96
C GLN B 176 -22.12 -16.31 28.31
N ALA B 177 -20.79 -16.20 28.30
CA ALA B 177 -20.01 -15.92 29.50
C ALA B 177 -20.13 -14.48 30.02
N GLY B 178 -21.04 -13.67 29.47
CA GLY B 178 -21.27 -12.31 29.93
C GLY B 178 -20.36 -11.24 29.36
N ILE B 179 -19.69 -11.52 28.24
CA ILE B 179 -18.87 -10.50 27.59
C ILE B 179 -19.70 -9.79 26.49
N ALA B 180 -20.02 -8.52 26.71
CA ALA B 180 -20.74 -7.69 25.75
C ALA B 180 -20.07 -7.73 24.38
N LYS B 181 -20.87 -7.83 23.33
CA LYS B 181 -20.40 -7.74 21.93
C LYS B 181 -19.51 -6.51 21.70
N GLU B 182 -19.83 -5.41 22.38
CA GLU B 182 -19.09 -4.13 22.33
C GLU B 182 -17.62 -4.23 22.75
N LYS B 183 -17.22 -5.34 23.39
CA LYS B 183 -15.83 -5.56 23.81
C LYS B 183 -15.02 -6.49 22.90
N LEU B 184 -15.62 -7.03 21.85
CA LEU B 184 -14.95 -8.03 21.03
C LEU B 184 -14.24 -7.46 19.81
N LEU B 185 -13.09 -8.03 19.46
CA LEU B 185 -12.39 -7.70 18.21
C LEU B 185 -12.23 -9.02 17.49
N LEU B 186 -12.34 -8.97 16.16
CA LEU B 186 -12.19 -10.18 15.33
C LEU B 186 -10.94 -10.13 14.51
N ASP B 187 -10.18 -11.20 14.54
CA ASP B 187 -8.94 -11.35 13.83
C ASP B 187 -8.99 -12.69 13.08
N PRO B 188 -8.78 -12.70 11.73
CA PRO B 188 -8.78 -13.96 10.94
C PRO B 188 -7.56 -14.84 11.15
N GLY B 189 -6.52 -14.34 11.78
CA GLY B 189 -5.39 -15.14 12.18
C GLY B 189 -4.52 -15.59 11.03
N PHE B 190 -3.89 -14.61 10.39
CA PHE B 190 -3.05 -14.88 9.25
C PHE B 190 -1.88 -15.76 9.66
N GLY B 191 -1.63 -16.82 8.89
CA GLY B 191 -0.51 -17.70 9.19
C GLY B 191 -0.81 -18.79 10.21
N PHE B 192 -2.00 -18.79 10.82
CA PHE B 192 -2.39 -19.82 11.82
C PHE B 192 -3.27 -20.92 11.19
N GLY B 193 -2.61 -21.98 10.75
CA GLY B 193 -3.30 -23.13 10.13
C GLY B 193 -3.82 -22.78 8.75
N LYS B 194 -2.98 -22.09 7.98
CA LYS B 194 -3.34 -21.53 6.68
C LYS B 194 -2.11 -21.50 5.77
N ASN B 195 -2.21 -22.19 4.62
CA ASN B 195 -1.26 -22.03 3.53
C ASN B 195 -1.42 -20.68 2.82
N LEU B 196 -0.43 -20.37 2.00
CA LEU B 196 -0.37 -19.11 1.26
C LEU B 196 -1.67 -18.79 0.56
N SER B 197 -2.22 -19.76 -0.15
CA SER B 197 -3.52 -19.62 -0.82
C SER B 197 -4.71 -19.27 0.10
N HIS B 198 -4.76 -19.86 1.29
CA HIS B 198 -5.86 -19.56 2.24
C HIS B 198 -5.75 -18.14 2.78
N ASN B 199 -4.54 -17.76 3.11
CA ASN B 199 -4.22 -16.42 3.58
C ASN B 199 -4.64 -15.30 2.63
N TYR B 200 -4.24 -15.41 1.36
CA TYR B 200 -4.67 -14.42 0.35
C TYR B 200 -6.14 -14.45 0.08
N SER B 201 -6.78 -15.60 0.24
CA SER B 201 -8.24 -15.65 0.13
C SER B 201 -8.93 -14.85 1.23
N LEU B 202 -8.37 -14.89 2.43
CA LEU B 202 -8.98 -14.15 3.54
C LEU B 202 -8.75 -12.64 3.41
N LEU B 203 -7.54 -12.26 3.02
CA LEU B 203 -7.20 -10.85 2.79
C LEU B 203 -8.08 -10.25 1.71
N ALA B 204 -8.20 -10.98 0.59
CA ALA B 204 -9.05 -10.55 -0.54
C ALA B 204 -10.48 -10.26 -0.13
N ARG B 205 -11.00 -10.99 0.87
CA ARG B 205 -12.41 -10.86 1.30
C ARG B 205 -12.57 -10.22 2.68
N LEU B 206 -11.49 -9.60 3.18
CA LEU B 206 -11.45 -9.09 4.55
C LEU B 206 -12.64 -8.17 4.86
N ALA B 207 -13.00 -7.34 3.88
CA ALA B 207 -14.12 -6.41 4.01
C ALA B 207 -15.47 -7.07 4.32
N GLU B 208 -15.67 -8.32 3.89
CA GLU B 208 -16.94 -9.03 4.17
C GLU B 208 -17.17 -9.25 5.69
N PHE B 209 -16.11 -9.35 6.47
CA PHE B 209 -16.24 -9.51 7.93
C PHE B 209 -16.81 -8.29 8.68
N HIS B 210 -17.02 -7.17 7.98
CA HIS B 210 -17.70 -6.00 8.58
C HIS B 210 -19.19 -6.20 8.89
N HIS B 211 -19.81 -7.28 8.42
CA HIS B 211 -21.24 -7.49 8.69
C HIS B 211 -21.51 -7.72 10.20
N PHE B 212 -20.52 -8.20 10.92
CA PHE B 212 -20.60 -8.32 12.38
C PHE B 212 -20.71 -6.97 13.10
N ASN B 213 -20.36 -5.88 12.41
CA ASN B 213 -20.21 -4.55 13.01
C ASN B 213 -19.23 -4.53 14.21
N LEU B 214 -18.16 -5.32 14.12
CA LEU B 214 -17.12 -5.40 15.13
C LEU B 214 -15.78 -4.91 14.58
N PRO B 215 -14.87 -4.44 15.47
CA PRO B 215 -13.48 -4.13 15.05
C PRO B 215 -12.74 -5.32 14.42
N LEU B 216 -11.86 -5.06 13.47
CA LEU B 216 -11.09 -6.09 12.78
C LEU B 216 -9.63 -5.79 13.07
N LEU B 217 -8.91 -6.81 13.53
CA LEU B 217 -7.50 -6.75 13.87
C LEU B 217 -6.82 -7.75 12.94
N VAL B 218 -5.67 -7.39 12.39
CA VAL B 218 -4.94 -8.30 11.49
C VAL B 218 -3.48 -8.21 11.80
N GLY B 219 -2.80 -9.33 11.60
CA GLY B 219 -1.38 -9.44 11.81
C GLY B 219 -0.75 -10.25 10.70
N MET B 220 -0.16 -9.56 9.73
CA MET B 220 0.52 -10.19 8.59
C MET B 220 1.98 -9.93 8.58
N SER B 221 2.44 -9.01 9.44
CA SER B 221 3.82 -8.54 9.42
C SER B 221 4.89 -9.67 9.38
N ARG B 222 5.70 -9.66 8.33
CA ARG B 222 6.87 -10.55 8.14
C ARG B 222 6.53 -12.06 8.05
N LYS B 223 5.27 -12.40 7.84
CA LYS B 223 4.84 -13.80 7.89
C LYS B 223 5.15 -14.54 6.58
N SER B 224 4.90 -15.85 6.59
CA SER B 224 5.26 -16.71 5.46
C SER B 224 4.46 -16.35 4.21
N MET B 225 3.23 -15.88 4.39
CA MET B 225 2.39 -15.42 3.27
C MET B 225 3.04 -14.31 2.43
N ILE B 226 4.02 -13.63 3.02
CA ILE B 226 4.91 -12.73 2.29
C ILE B 226 6.21 -13.43 1.91
N GLY B 227 6.86 -14.05 2.88
CA GLY B 227 8.16 -14.70 2.69
C GLY B 227 8.20 -15.72 1.55
N GLN B 228 7.13 -16.50 1.45
CA GLN B 228 6.99 -17.54 0.42
C GLN B 228 6.76 -16.94 -0.95
N LEU B 229 5.94 -15.89 -1.00
CA LEU B 229 5.62 -15.21 -2.26
C LEU B 229 6.83 -14.51 -2.88
N LEU B 230 7.55 -13.75 -2.08
CA LEU B 230 8.71 -13.01 -2.55
C LEU B 230 9.99 -13.82 -2.47
N ASN B 231 10.00 -14.90 -1.69
CA ASN B 231 11.18 -15.75 -1.53
C ASN B 231 12.37 -14.98 -0.95
N VAL B 232 12.16 -14.35 0.20
CA VAL B 232 13.20 -13.61 0.92
C VAL B 232 13.21 -13.93 2.42
N GLY B 233 14.28 -13.53 3.09
CA GLY B 233 14.47 -13.82 4.51
C GLY B 233 13.51 -13.05 5.41
N PRO B 234 13.36 -13.50 6.68
CA PRO B 234 12.49 -12.81 7.65
C PRO B 234 12.68 -11.31 7.69
N SER B 235 13.94 -10.86 7.64
CA SER B 235 14.29 -9.45 7.71
C SER B 235 14.16 -8.63 6.43
N GLU B 236 13.65 -9.22 5.34
CA GLU B 236 13.60 -8.53 4.05
C GLU B 236 12.16 -8.44 3.51
N ARG B 237 11.19 -8.39 4.40
CA ARG B 237 9.78 -8.48 4.04
C ARG B 237 9.01 -7.17 4.27
N LEU B 238 9.72 -6.08 4.56
CA LEU B 238 9.07 -4.78 4.88
C LEU B 238 8.09 -4.37 3.78
N SER B 239 8.53 -4.40 2.53
CA SER B 239 7.67 -3.95 1.43
C SER B 239 6.40 -4.78 1.28
N GLY B 240 6.51 -6.09 1.36
CA GLY B 240 5.33 -6.94 1.32
C GLY B 240 4.44 -6.79 2.54
N SER B 241 5.05 -6.62 3.69
CA SER B 241 4.32 -6.38 4.94
C SER B 241 3.49 -5.09 4.88
N LEU B 242 4.11 -4.02 4.38
CA LEU B 242 3.42 -2.73 4.13
C LEU B 242 2.28 -2.88 3.13
N ALA B 243 2.50 -3.64 2.05
CA ALA B 243 1.46 -3.92 1.05
C ALA B 243 0.25 -4.58 1.70
N CYS B 244 0.53 -5.58 2.53
CA CYS B 244 -0.49 -6.28 3.30
C CYS B 244 -1.32 -5.35 4.20
N ALA B 245 -0.63 -4.53 4.99
CA ALA B 245 -1.25 -3.52 5.87
C ALA B 245 -2.15 -2.59 5.11
N VAL B 246 -1.62 -2.05 4.02
CA VAL B 246 -2.39 -1.12 3.18
C VAL B 246 -3.62 -1.83 2.60
N ILE B 247 -3.44 -3.05 2.07
CA ILE B 247 -4.58 -3.84 1.55
C ILE B 247 -5.66 -4.04 2.61
N ALA B 248 -5.24 -4.40 3.82
CA ALA B 248 -6.17 -4.56 4.92
C ALA B 248 -6.82 -3.25 5.31
N ALA B 249 -6.02 -2.19 5.46
CA ALA B 249 -6.54 -0.92 5.94
C ALA B 249 -7.51 -0.30 4.94
N MET B 250 -7.23 -0.44 3.66
CA MET B 250 -8.15 0.02 2.61
C MET B 250 -9.51 -0.66 2.66
N GLN B 251 -9.56 -1.88 3.19
CA GLN B 251 -10.83 -2.57 3.43
C GLN B 251 -11.46 -2.31 4.80
N GLY B 252 -10.93 -1.34 5.56
CA GLY B 252 -11.58 -0.90 6.81
C GLY B 252 -11.11 -1.64 8.05
N ALA B 253 -9.99 -2.34 7.94
CA ALA B 253 -9.35 -2.96 9.10
C ALA B 253 -8.91 -1.88 10.10
N HIS B 254 -9.23 -2.09 11.38
CA HIS B 254 -9.13 -1.08 12.41
C HIS B 254 -7.77 -1.04 13.13
N ILE B 255 -7.14 -2.20 13.28
CA ILE B 255 -5.86 -2.34 13.98
C ILE B 255 -4.97 -3.26 13.16
N ILE B 256 -3.72 -2.84 12.95
CA ILE B 256 -2.73 -3.60 12.22
C ILE B 256 -1.59 -3.86 13.18
N ARG B 257 -1.29 -5.13 13.39
CA ARG B 257 -0.21 -5.56 14.29
C ARG B 257 1.09 -5.72 13.51
N VAL B 258 2.14 -5.00 13.86
CA VAL B 258 3.38 -4.97 13.06
C VAL B 258 4.66 -4.87 13.85
N HIS B 259 5.76 -5.27 13.21
CA HIS B 259 7.11 -5.03 13.70
C HIS B 259 7.67 -3.66 13.35
N ASP B 260 7.36 -3.15 12.16
CA ASP B 260 7.95 -1.91 11.62
C ASP B 260 6.94 -0.76 11.76
N VAL B 261 6.96 -0.16 12.93
CA VAL B 261 5.92 0.79 13.30
C VAL B 261 5.98 2.05 12.44
N LYS B 262 7.15 2.69 12.35
CA LYS B 262 7.24 3.99 11.68
C LYS B 262 6.70 3.91 10.26
N GLU B 263 7.14 2.88 9.55
CA GLU B 263 6.79 2.71 8.16
C GLU B 263 5.34 2.38 7.98
N THR B 264 4.77 1.57 8.88
CA THR B 264 3.39 1.22 8.81
C THR B 264 2.51 2.43 9.11
N VAL B 265 2.91 3.26 10.07
CA VAL B 265 2.14 4.49 10.41
C VAL B 265 2.09 5.46 9.21
N GLU B 266 3.21 5.64 8.53
CA GLU B 266 3.26 6.46 7.31
C GLU B 266 2.31 5.98 6.19
N ALA B 267 2.37 4.68 5.92
CA ALA B 267 1.44 4.01 5.00
C ALA B 267 -0.01 4.17 5.40
N MET B 268 -0.31 4.09 6.69
CA MET B 268 -1.66 4.28 7.21
C MET B 268 -2.17 5.72 7.05
N ARG B 269 -1.27 6.71 7.13
CA ARG B 269 -1.64 8.10 6.87
C ARG B 269 -2.09 8.34 5.42
N VAL B 270 -1.41 7.67 4.49
CA VAL B 270 -1.78 7.70 3.08
C VAL B 270 -3.16 7.04 2.91
N VAL B 271 -3.36 5.87 3.54
CA VAL B 271 -4.66 5.20 3.49
C VAL B 271 -5.78 6.10 4.03
N GLU B 272 -5.52 6.75 5.15
CA GLU B 272 -6.47 7.64 5.80
C GLU B 272 -6.82 8.88 4.95
N ALA B 273 -5.83 9.47 4.30
CA ALA B 273 -6.09 10.56 3.34
C ALA B 273 -6.95 10.08 2.15
N THR B 274 -6.66 8.88 1.66
CA THR B 274 -7.43 8.29 0.56
C THR B 274 -8.89 8.00 1.00
N LEU B 275 -9.02 7.36 2.15
CA LEU B 275 -10.33 7.01 2.66
C LEU B 275 -11.21 8.23 3.03
N SER B 276 -10.60 9.31 3.49
CA SER B 276 -11.31 10.57 3.76
C SER B 276 -11.79 11.28 2.52
N ALA B 277 -11.12 11.07 1.39
CA ALA B 277 -11.58 11.61 0.13
C ALA B 277 -12.64 10.74 -0.58
N LYS B 278 -12.91 9.54 -0.06
CA LYS B 278 -13.86 8.61 -0.65
C LYS B 278 -15.25 8.76 -0.03
N GLU B 279 -16.29 8.56 -0.83
CA GLU B 279 -17.70 8.66 -0.36
C GLU B 279 -18.07 7.47 0.53
N ASN B 280 -17.67 6.29 0.08
CA ASN B 280 -17.89 5.03 0.80
C ASN B 280 -17.10 4.92 2.13
N LYS B 281 -15.91 5.53 2.19
CA LYS B 281 -14.96 5.39 3.33
C LYS B 281 -14.44 3.94 3.54
N ARG B 282 -14.43 3.14 2.47
CA ARG B 282 -13.96 1.75 2.49
C ARG B 282 -13.91 1.19 1.05
N TYR B 283 -12.99 0.25 0.81
CA TYR B 283 -12.89 -0.47 -0.47
C TYR B 283 -13.30 -1.93 -0.28
N GLU B 284 -14.07 -2.45 -1.23
CA GLU B 284 -14.63 -3.81 -1.17
C GLU B 284 -14.52 -4.50 -2.52
#